data_3T3N
#
_entry.id   3T3N
#
_cell.length_a   101.950
_cell.length_b   116.780
_cell.length_c   231.280
_cell.angle_alpha   90.00
_cell.angle_beta   90.00
_cell.angle_gamma   90.00
#
_symmetry.space_group_name_H-M   'F 2 2 2'
#
loop_
_entity.id
_entity.type
_entity.pdbx_description
1 polymer 'Metal dependent hydrolase'
2 polymer "O2'methyl-RNA"
3 non-polymer 'ZINC ION'
4 water water
#
loop_
_entity_poly.entity_id
_entity_poly.type
_entity_poly.pdbx_seq_one_letter_code
_entity_poly.pdbx_strand_id
1 'polypeptide(L)'
;MSHHHHHHSSQGGPQDHVEIIPLGGMGEIGKNITVFRFRDEIFVLDGGLAFPEEGMPGVDLLIPRVDYLIEHRHKIKAWV
LTHGAEDHIGGLPFLLPMIFGKESPVPIYGARLTLGLLRGKLEEFGLRPGAFNLKEISPDDRIQVGRYFTLDLFRMTHSI
PDNSGVVIRTPIGTIVHTGDFKLDPTPIDGKVSHLAKVAQAGAEGVLLLIADATNAERPGYTPSEMEIAKELDRVIGRAP
GRVFVTTFASHIHRIQSVIWAAEKYGRKVAMEGRSMLKFSRIALELGYLKVKDRLYTLEEVKDLPDHQVLILATGSQGQP
MSVLHRLAFEGHAKMAIKPGDTVILSSSPIPGNEEAVNRVINRLYALGAYVLYPPTYKVHASGHASQEELKLILNLTTPR
FFLPWHGEVRHQMNFKWLAESMSRPPEKTLIGENGAVYRLTRETFEKVGEVPHGVLYVDGLGVGDITEEILADRRHMAEE
GLVVITALAGEDPVVEVVSRGFVKAGERLLGEVRRMALEALKNGVREKKPLERIRDDIYYPVKKFLKKATGRDPMILPVV
IE
;
A
2 'polyribonucleotide' (OMU)(OMU)(OMC)(OMC)(OMG)(OMU) B
#
# COMPACT_ATOMS: atom_id res chain seq x y z
N GLY A 13 -40.07 -5.47 -2.15
CA GLY A 13 -39.92 -6.14 -0.87
C GLY A 13 -39.01 -5.40 0.10
N PRO A 14 -39.49 -5.06 1.33
CA PRO A 14 -38.63 -4.33 2.29
C PRO A 14 -37.51 -5.15 2.94
N GLN A 15 -37.47 -6.47 2.66
CA GLN A 15 -36.47 -7.38 3.19
C GLN A 15 -35.17 -7.37 2.36
N ASP A 16 -35.26 -7.06 1.05
CA ASP A 16 -34.13 -7.02 0.11
C ASP A 16 -33.14 -5.90 0.45
N HIS A 17 -31.84 -6.26 0.53
CA HIS A 17 -30.75 -5.34 0.90
C HIS A 17 -29.37 -5.80 0.38
N VAL A 18 -28.45 -4.83 0.18
CA VAL A 18 -27.07 -5.10 -0.25
C VAL A 18 -26.15 -4.84 0.94
N GLU A 19 -25.33 -5.83 1.27
CA GLU A 19 -24.32 -5.74 2.31
C GLU A 19 -23.00 -5.35 1.65
N ILE A 20 -22.36 -4.27 2.14
CA ILE A 20 -21.07 -3.80 1.62
C ILE A 20 -20.08 -3.87 2.78
N ILE A 21 -19.08 -4.76 2.67
CA ILE A 21 -18.06 -4.97 3.72
C ILE A 21 -16.65 -4.72 3.19
N PRO A 22 -16.01 -3.58 3.57
CA PRO A 22 -14.63 -3.34 3.13
C PRO A 22 -13.64 -3.94 4.13
N LEU A 23 -12.77 -4.85 3.69
CA LEU A 23 -11.79 -5.47 4.59
C LEU A 23 -10.46 -4.70 4.60
N GLY A 24 -10.46 -3.57 3.89
CA GLY A 24 -9.33 -2.67 3.73
C GLY A 24 -9.61 -1.57 2.71
N GLY A 25 -8.89 -0.47 2.81
CA GLY A 25 -9.03 0.65 1.90
C GLY A 25 -9.74 1.86 2.48
N MET A 26 -10.48 1.67 3.60
CA MET A 26 -11.23 2.72 4.31
C MET A 26 -10.44 3.29 5.48
N GLY A 27 -10.50 4.61 5.65
CA GLY A 27 -9.78 5.32 6.72
C GLY A 27 -8.28 5.19 6.57
N GLU A 28 -7.83 4.80 5.37
CA GLU A 28 -6.46 4.55 4.96
C GLU A 28 -6.31 4.71 3.43
N ILE A 29 -5.09 4.52 2.90
CA ILE A 29 -4.84 4.60 1.46
C ILE A 29 -4.71 3.20 0.79
N GLY A 30 -3.89 2.31 1.37
CA GLY A 30 -3.63 0.98 0.84
C GLY A 30 -4.63 -0.13 1.11
N LYS A 31 -4.21 -1.39 0.82
CA LYS A 31 -4.93 -2.66 0.98
C LYS A 31 -6.43 -2.67 0.65
N ASN A 32 -6.78 -2.06 -0.50
CA ASN A 32 -8.14 -1.91 -1.01
C ASN A 32 -8.76 -3.27 -1.32
N ILE A 33 -9.87 -3.58 -0.63
CA ILE A 33 -10.66 -4.82 -0.76
C ILE A 33 -12.09 -4.52 -0.33
N THR A 34 -13.03 -4.59 -1.26
CA THR A 34 -14.44 -4.30 -0.98
C THR A 34 -15.28 -5.53 -1.23
N VAL A 35 -16.19 -5.88 -0.32
CA VAL A 35 -17.06 -7.05 -0.52
C VAL A 35 -18.48 -6.57 -0.68
N PHE A 36 -19.16 -7.06 -1.73
CA PHE A 36 -20.55 -6.74 -2.05
C PHE A 36 -21.37 -8.02 -2.06
N ARG A 37 -22.53 -8.01 -1.35
CA ARG A 37 -23.42 -9.16 -1.21
C ARG A 37 -24.88 -8.81 -1.36
N PHE A 38 -25.64 -9.76 -1.91
CA PHE A 38 -27.10 -9.75 -2.02
C PHE A 38 -27.56 -11.19 -1.74
N ARG A 39 -28.50 -11.36 -0.77
CA ARG A 39 -29.02 -12.65 -0.33
C ARG A 39 -27.84 -13.58 -0.01
N ASP A 40 -27.55 -14.58 -0.89
CA ASP A 40 -26.42 -15.49 -0.68
C ASP A 40 -25.36 -15.54 -1.80
N GLU A 41 -25.23 -14.43 -2.56
CA GLU A 41 -24.26 -14.31 -3.64
C GLU A 41 -23.32 -13.13 -3.35
N ILE A 42 -22.03 -13.44 -3.17
CA ILE A 42 -20.97 -12.47 -2.87
C ILE A 42 -20.08 -12.21 -4.08
N PHE A 43 -19.61 -10.96 -4.20
CA PHE A 43 -18.64 -10.55 -5.19
C PHE A 43 -17.65 -9.63 -4.49
N VAL A 44 -16.36 -9.83 -4.78
CA VAL A 44 -15.28 -9.05 -4.18
C VAL A 44 -14.69 -8.08 -5.19
N LEU A 45 -14.49 -6.82 -4.77
CA LEU A 45 -13.88 -5.76 -5.57
C LEU A 45 -12.48 -5.48 -5.04
N ASP A 46 -11.46 -5.92 -5.80
CA ASP A 46 -10.02 -5.78 -5.53
C ASP A 46 -9.48 -6.56 -4.32
N GLY A 47 -8.18 -6.87 -4.38
CA GLY A 47 -7.42 -7.59 -3.36
C GLY A 47 -6.09 -6.90 -3.17
N GLY A 48 -6.14 -5.84 -2.35
CA GLY A 48 -5.02 -4.95 -2.08
C GLY A 48 -3.92 -5.40 -1.13
N LEU A 49 -2.86 -4.58 -1.11
CA LEU A 49 -1.64 -4.71 -0.32
C LEU A 49 -1.42 -3.36 0.37
N ALA A 50 -0.83 -3.39 1.58
CA ALA A 50 -0.50 -2.19 2.35
C ALA A 50 1.01 -2.18 2.68
N PHE A 51 1.55 -0.99 3.03
CA PHE A 51 2.97 -0.86 3.38
C PHE A 51 3.17 -0.45 4.87
N PRO A 52 4.31 -0.81 5.52
CA PRO A 52 4.48 -0.46 6.95
C PRO A 52 4.90 1.01 7.20
N GLU A 53 6.22 1.30 7.31
CA GLU A 53 6.84 2.63 7.54
C GLU A 53 6.48 3.40 8.83
N GLU A 54 5.39 2.99 9.51
CA GLU A 54 4.87 3.60 10.75
C GLU A 54 5.82 3.34 11.91
N GLY A 55 6.17 2.07 12.10
CA GLY A 55 7.06 1.58 13.14
C GLY A 55 7.02 0.06 13.21
N MET A 56 7.20 -0.58 12.03
CA MET A 56 7.18 -2.04 11.85
C MET A 56 8.45 -2.48 11.08
N PRO A 57 9.54 -2.90 11.77
CA PRO A 57 10.77 -3.29 11.06
C PRO A 57 10.80 -4.74 10.58
N GLY A 58 11.45 -4.95 9.43
CA GLY A 58 11.57 -6.28 8.81
C GLY A 58 10.47 -6.60 7.83
N VAL A 59 9.21 -6.19 8.17
CA VAL A 59 7.98 -6.36 7.40
C VAL A 59 8.16 -5.70 6.01
N ASP A 60 7.93 -6.48 4.94
CA ASP A 60 8.07 -6.03 3.55
C ASP A 60 6.80 -5.40 2.99
N LEU A 61 5.64 -6.01 3.30
CA LEU A 61 4.30 -5.61 2.86
C LEU A 61 3.23 -6.09 3.85
N LEU A 62 1.96 -5.74 3.59
CA LEU A 62 0.85 -6.14 4.45
C LEU A 62 -0.37 -6.55 3.64
N ILE A 63 -1.15 -7.52 4.16
CA ILE A 63 -2.34 -8.03 3.49
C ILE A 63 -3.58 -7.97 4.40
N PRO A 64 -4.78 -7.66 3.85
CA PRO A 64 -5.98 -7.59 4.70
C PRO A 64 -6.45 -8.94 5.26
N ARG A 65 -7.25 -8.91 6.33
CA ARG A 65 -7.78 -10.13 6.96
C ARG A 65 -9.12 -10.55 6.37
N VAL A 66 -9.04 -11.54 5.46
CA VAL A 66 -10.17 -12.10 4.72
C VAL A 66 -10.90 -13.24 5.47
N ASP A 67 -11.02 -13.14 6.81
CA ASP A 67 -11.71 -14.12 7.64
C ASP A 67 -13.18 -14.31 7.22
N TYR A 68 -13.79 -13.27 6.62
CA TYR A 68 -15.15 -13.30 6.07
C TYR A 68 -15.14 -14.16 4.80
N LEU A 69 -14.07 -14.04 3.99
CA LEU A 69 -13.97 -14.77 2.73
C LEU A 69 -13.64 -16.25 2.88
N ILE A 70 -12.99 -16.65 4.01
CA ILE A 70 -12.68 -18.07 4.30
C ILE A 70 -14.03 -18.77 4.63
N GLU A 71 -14.83 -18.10 5.48
CA GLU A 71 -16.14 -18.48 5.97
C GLU A 71 -17.18 -18.57 4.83
N HIS A 72 -17.00 -17.78 3.73
CA HIS A 72 -17.94 -17.75 2.60
C HIS A 72 -17.32 -18.07 1.22
N ARG A 73 -16.21 -18.86 1.19
CA ARG A 73 -15.48 -19.25 -0.02
C ARG A 73 -16.31 -19.91 -1.16
N HIS A 74 -17.61 -20.14 -0.90
CA HIS A 74 -18.55 -20.72 -1.84
C HIS A 74 -19.51 -19.68 -2.41
N LYS A 75 -20.02 -18.76 -1.57
CA LYS A 75 -20.93 -17.68 -1.97
C LYS A 75 -20.24 -16.68 -2.92
N ILE A 76 -18.88 -16.65 -2.88
CA ILE A 76 -18.01 -15.83 -3.73
C ILE A 76 -18.26 -16.24 -5.19
N LYS A 77 -19.13 -15.48 -5.87
CA LYS A 77 -19.51 -15.72 -7.26
C LYS A 77 -18.45 -15.25 -8.25
N ALA A 78 -17.77 -14.11 -7.98
CA ALA A 78 -16.72 -13.54 -8.82
C ALA A 78 -15.85 -12.49 -8.11
N TRP A 79 -14.61 -12.28 -8.61
CA TRP A 79 -13.68 -11.28 -8.09
C TRP A 79 -13.38 -10.26 -9.20
N VAL A 80 -13.75 -8.99 -8.97
CA VAL A 80 -13.60 -7.92 -9.96
C VAL A 80 -12.41 -7.02 -9.60
N LEU A 81 -11.52 -6.76 -10.59
CA LEU A 81 -10.32 -5.94 -10.38
C LEU A 81 -10.30 -4.63 -11.20
N THR A 82 -10.27 -3.48 -10.49
CA THR A 82 -10.28 -2.13 -11.09
C THR A 82 -9.02 -1.73 -11.87
N HIS A 83 -7.82 -2.07 -11.35
CA HIS A 83 -6.52 -1.75 -11.96
C HIS A 83 -5.38 -2.59 -11.35
N GLY A 84 -4.25 -2.63 -12.06
CA GLY A 84 -3.08 -3.43 -11.69
C GLY A 84 -2.10 -2.90 -10.65
N ALA A 85 -2.48 -1.88 -9.85
CA ALA A 85 -1.58 -1.37 -8.81
C ALA A 85 -1.56 -2.30 -7.61
N GLU A 86 -0.40 -2.39 -6.94
CA GLU A 86 -0.19 -3.25 -5.76
C GLU A 86 -1.23 -3.07 -4.65
N ASP A 87 -1.68 -1.83 -4.40
CA ASP A 87 -2.72 -1.54 -3.40
C ASP A 87 -4.11 -2.04 -3.84
N HIS A 88 -4.17 -2.74 -4.98
CA HIS A 88 -5.38 -3.31 -5.57
C HIS A 88 -5.24 -4.77 -5.99
N ILE A 89 -4.01 -5.22 -6.38
CA ILE A 89 -3.74 -6.61 -6.82
C ILE A 89 -2.55 -7.30 -6.12
N GLY A 90 -2.04 -6.69 -5.05
CA GLY A 90 -0.88 -7.23 -4.34
C GLY A 90 -1.16 -8.29 -3.31
N GLY A 91 -2.33 -8.20 -2.69
CA GLY A 91 -2.74 -9.15 -1.65
C GLY A 91 -3.07 -10.52 -2.19
N LEU A 92 -3.67 -10.57 -3.40
CA LEU A 92 -4.12 -11.76 -4.11
C LEU A 92 -3.21 -13.02 -4.08
N PRO A 93 -1.86 -12.96 -4.29
CA PRO A 93 -1.05 -14.19 -4.21
C PRO A 93 -0.98 -14.77 -2.79
N PHE A 94 -1.55 -14.06 -1.81
CA PHE A 94 -1.60 -14.46 -0.41
C PHE A 94 -3.06 -14.70 -0.01
N LEU A 95 -3.98 -13.84 -0.50
CA LEU A 95 -5.42 -13.92 -0.23
C LEU A 95 -6.08 -15.08 -0.95
N LEU A 96 -5.82 -15.26 -2.26
CA LEU A 96 -6.38 -16.37 -3.05
C LEU A 96 -6.06 -17.76 -2.45
N PRO A 97 -4.77 -18.13 -2.17
CA PRO A 97 -4.50 -19.46 -1.55
C PRO A 97 -5.13 -19.70 -0.18
N MET A 98 -5.40 -18.63 0.59
CA MET A 98 -6.01 -18.72 1.91
C MET A 98 -7.49 -19.07 1.79
N ILE A 99 -8.20 -18.42 0.84
CA ILE A 99 -9.63 -18.56 0.60
C ILE A 99 -9.99 -19.89 -0.07
N PHE A 100 -9.67 -20.03 -1.38
CA PHE A 100 -10.02 -21.17 -2.21
C PHE A 100 -9.02 -22.31 -2.21
N GLY A 101 -7.76 -22.00 -1.91
CA GLY A 101 -6.68 -22.97 -1.95
C GLY A 101 -5.92 -22.81 -3.25
N LYS A 102 -5.06 -23.81 -3.59
CA LYS A 102 -4.23 -23.81 -4.80
C LYS A 102 -4.95 -23.56 -6.14
N GLU A 103 -6.26 -23.87 -6.23
CA GLU A 103 -7.04 -23.67 -7.46
C GLU A 103 -8.50 -23.29 -7.22
N SER A 104 -9.11 -22.54 -8.18
CA SER A 104 -10.50 -22.11 -8.12
C SER A 104 -11.10 -21.79 -9.50
N PRO A 105 -12.35 -22.25 -9.75
CA PRO A 105 -13.00 -21.93 -11.03
C PRO A 105 -13.80 -20.62 -10.95
N VAL A 106 -13.68 -19.86 -9.83
CA VAL A 106 -14.35 -18.59 -9.60
C VAL A 106 -13.74 -17.53 -10.54
N PRO A 107 -14.55 -16.82 -11.38
CA PRO A 107 -13.97 -15.85 -12.32
C PRO A 107 -13.38 -14.61 -11.66
N ILE A 108 -12.15 -14.29 -12.04
CA ILE A 108 -11.43 -13.12 -11.57
C ILE A 108 -11.27 -12.19 -12.79
N TYR A 109 -12.16 -11.19 -12.87
CA TYR A 109 -12.22 -10.25 -13.98
C TYR A 109 -11.19 -9.13 -13.86
N GLY A 110 -10.66 -8.70 -15.02
CA GLY A 110 -9.70 -7.61 -15.10
C GLY A 110 -9.28 -7.27 -16.52
N ALA A 111 -8.65 -6.10 -16.70
CA ALA A 111 -8.14 -5.68 -18.03
C ALA A 111 -6.81 -6.39 -18.32
N ARG A 112 -6.37 -6.40 -19.58
CA ARG A 112 -5.14 -7.10 -19.97
C ARG A 112 -3.97 -6.90 -19.00
N LEU A 113 -3.67 -5.63 -18.67
CA LEU A 113 -2.58 -5.27 -17.75
C LEU A 113 -2.88 -5.72 -16.31
N THR A 114 -4.10 -5.39 -15.84
CA THR A 114 -4.60 -5.71 -14.49
C THR A 114 -4.37 -7.18 -14.15
N LEU A 115 -4.57 -8.08 -15.14
CA LEU A 115 -4.37 -9.52 -15.01
C LEU A 115 -2.95 -9.95 -15.34
N GLY A 116 -2.32 -9.32 -16.34
CA GLY A 116 -0.95 -9.60 -16.73
C GLY A 116 0.05 -9.41 -15.60
N LEU A 117 -0.17 -8.36 -14.79
CA LEU A 117 0.66 -8.02 -13.63
C LEU A 117 0.43 -9.03 -12.52
N LEU A 118 -0.84 -9.48 -12.38
CA LEU A 118 -1.27 -10.50 -11.42
C LEU A 118 -0.68 -11.85 -11.83
N ARG A 119 -0.68 -12.13 -13.14
CA ARG A 119 -0.14 -13.36 -13.73
C ARG A 119 1.30 -13.50 -13.27
N GLY A 120 2.09 -12.45 -13.49
CA GLY A 120 3.49 -12.37 -13.10
C GLY A 120 3.71 -12.48 -11.60
N LYS A 121 2.74 -11.98 -10.81
CA LYS A 121 2.77 -12.04 -9.34
C LYS A 121 2.56 -13.47 -8.88
N LEU A 122 1.76 -14.24 -9.63
CA LEU A 122 1.49 -15.65 -9.35
C LEU A 122 2.68 -16.48 -9.85
N GLU A 123 3.27 -16.09 -11.00
CA GLU A 123 4.48 -16.71 -11.56
C GLU A 123 5.66 -16.54 -10.58
N GLU A 124 5.60 -15.49 -9.73
CA GLU A 124 6.59 -15.17 -8.69
C GLU A 124 6.36 -16.02 -7.43
N PHE A 125 5.11 -16.05 -6.92
CA PHE A 125 4.75 -16.78 -5.69
C PHE A 125 4.39 -18.28 -5.85
N GLY A 126 5.07 -18.94 -6.78
CA GLY A 126 4.92 -20.37 -7.06
C GLY A 126 3.50 -20.77 -7.39
N LEU A 127 3.10 -20.58 -8.67
CA LEU A 127 1.75 -20.92 -9.09
C LEU A 127 1.65 -21.40 -10.54
N ARG A 128 0.85 -22.46 -10.74
CA ARG A 128 0.56 -23.06 -12.04
C ARG A 128 -0.25 -22.04 -12.86
N PRO A 129 0.17 -21.74 -14.12
CA PRO A 129 -0.59 -20.75 -14.92
C PRO A 129 -2.02 -21.19 -15.19
N GLY A 130 -2.97 -20.36 -14.76
CA GLY A 130 -4.39 -20.61 -14.95
C GLY A 130 -5.05 -21.45 -13.88
N ALA A 131 -4.38 -21.62 -12.71
CA ALA A 131 -4.92 -22.36 -11.55
C ALA A 131 -6.23 -21.72 -11.10
N PHE A 132 -6.28 -20.38 -11.24
CA PHE A 132 -7.41 -19.50 -10.94
C PHE A 132 -7.98 -18.99 -12.27
N ASN A 133 -9.31 -18.77 -12.31
CA ASN A 133 -10.03 -18.33 -13.51
C ASN A 133 -9.87 -16.82 -13.79
N LEU A 134 -8.79 -16.44 -14.48
CA LEU A 134 -8.52 -15.03 -14.82
C LEU A 134 -9.14 -14.64 -16.17
N LYS A 135 -10.42 -14.22 -16.11
CA LYS A 135 -11.24 -13.80 -17.25
C LYS A 135 -11.01 -12.33 -17.65
N GLU A 136 -10.29 -12.10 -18.77
CA GLU A 136 -10.00 -10.77 -19.30
C GLU A 136 -11.25 -10.04 -19.79
N ILE A 137 -11.39 -8.79 -19.36
CA ILE A 137 -12.50 -7.88 -19.70
C ILE A 137 -11.96 -6.50 -20.07
N SER A 138 -12.77 -5.70 -20.80
CA SER A 138 -12.40 -4.34 -21.19
C SER A 138 -12.65 -3.39 -20.02
N PRO A 139 -11.85 -2.30 -19.87
CA PRO A 139 -12.12 -1.33 -18.79
C PRO A 139 -13.53 -0.73 -18.87
N ASP A 140 -14.24 -1.00 -19.98
CA ASP A 140 -15.59 -0.54 -20.26
C ASP A 140 -16.64 -1.67 -20.35
N ASP A 141 -16.25 -2.92 -20.04
CA ASP A 141 -17.16 -4.07 -20.11
C ASP A 141 -18.33 -4.08 -19.13
N ARG A 142 -19.34 -4.92 -19.42
CA ARG A 142 -20.54 -5.16 -18.62
C ARG A 142 -20.52 -6.63 -18.23
N ILE A 143 -20.35 -6.91 -16.95
CA ILE A 143 -20.24 -8.28 -16.48
C ILE A 143 -21.36 -8.62 -15.52
N GLN A 144 -22.11 -9.68 -15.87
CA GLN A 144 -23.24 -10.19 -15.08
C GLN A 144 -22.68 -11.21 -14.07
N VAL A 145 -22.48 -10.75 -12.84
CA VAL A 145 -21.95 -11.57 -11.74
C VAL A 145 -23.09 -12.29 -11.04
N GLY A 146 -23.08 -13.62 -11.14
CA GLY A 146 -24.09 -14.48 -10.55
C GLY A 146 -25.47 -14.24 -11.13
N ARG A 147 -26.43 -13.86 -10.27
CA ARG A 147 -27.82 -13.60 -10.67
C ARG A 147 -28.40 -12.29 -10.09
N TYR A 148 -27.59 -11.51 -9.35
CA TYR A 148 -28.03 -10.24 -8.75
C TYR A 148 -27.25 -9.01 -9.21
N PHE A 149 -25.96 -9.19 -9.56
CA PHE A 149 -25.06 -8.10 -9.92
C PHE A 149 -24.70 -7.95 -11.40
N THR A 150 -25.10 -6.81 -12.00
CA THR A 150 -24.77 -6.45 -13.38
C THR A 150 -23.75 -5.31 -13.26
N LEU A 151 -22.48 -5.62 -13.48
CA LEU A 151 -21.37 -4.68 -13.30
C LEU A 151 -20.95 -3.88 -14.53
N ASP A 152 -21.38 -2.62 -14.62
CA ASP A 152 -20.97 -1.78 -15.75
C ASP A 152 -19.66 -1.04 -15.47
N LEU A 153 -18.54 -1.60 -15.98
CA LEU A 153 -17.21 -1.02 -15.83
C LEU A 153 -17.01 0.14 -16.79
N PHE A 154 -16.24 1.16 -16.39
CA PHE A 154 -15.98 2.35 -17.19
C PHE A 154 -14.56 2.86 -16.99
N ARG A 155 -13.84 3.16 -18.09
CA ARG A 155 -12.47 3.65 -18.03
C ARG A 155 -12.39 4.93 -17.19
N MET A 156 -11.32 5.01 -16.40
CA MET A 156 -11.01 6.08 -15.49
C MET A 156 -9.53 6.38 -15.58
N THR A 157 -9.17 7.67 -15.77
CA THR A 157 -7.76 8.07 -15.87
C THR A 157 -7.09 8.06 -14.48
N HIS A 158 -5.88 7.48 -14.39
CA HIS A 158 -5.11 7.32 -13.15
C HIS A 158 -3.60 7.08 -13.47
N SER A 159 -2.77 6.81 -12.44
CA SER A 159 -1.33 6.58 -12.61
C SER A 159 -1.02 5.36 -13.47
N ILE A 160 -1.73 4.26 -13.21
CA ILE A 160 -1.55 3.03 -13.96
C ILE A 160 -2.57 2.99 -15.12
N PRO A 161 -2.19 2.49 -16.33
CA PRO A 161 -3.17 2.40 -17.43
C PRO A 161 -4.25 1.33 -17.21
N ASP A 162 -5.25 1.28 -18.11
CA ASP A 162 -6.36 0.34 -18.11
C ASP A 162 -7.09 0.26 -16.75
N ASN A 163 -7.26 1.42 -16.11
CA ASN A 163 -7.93 1.59 -14.83
C ASN A 163 -9.42 1.79 -15.08
N SER A 164 -10.25 1.24 -14.21
CA SER A 164 -11.69 1.37 -14.36
C SER A 164 -12.45 1.60 -13.07
N GLY A 165 -13.63 2.18 -13.23
CA GLY A 165 -14.63 2.38 -12.19
C GLY A 165 -15.68 1.32 -12.43
N VAL A 166 -16.79 1.35 -11.67
CA VAL A 166 -17.86 0.36 -11.84
C VAL A 166 -19.23 0.84 -11.40
N VAL A 167 -20.20 0.80 -12.32
CA VAL A 167 -21.60 1.14 -12.07
C VAL A 167 -22.26 -0.20 -11.65
N ILE A 168 -22.17 -0.53 -10.35
CA ILE A 168 -22.71 -1.76 -9.74
C ILE A 168 -24.24 -1.72 -9.69
N ARG A 169 -24.91 -2.47 -10.60
CA ARG A 169 -26.37 -2.54 -10.66
C ARG A 169 -26.84 -3.71 -9.80
N THR A 170 -27.70 -3.42 -8.82
CA THR A 170 -28.20 -4.39 -7.85
C THR A 170 -29.74 -4.53 -7.91
N PRO A 171 -30.35 -5.61 -7.33
CA PRO A 171 -31.82 -5.70 -7.33
C PRO A 171 -32.53 -4.68 -6.43
N ILE A 172 -31.79 -3.70 -5.87
CA ILE A 172 -32.32 -2.63 -5.01
C ILE A 172 -31.91 -1.21 -5.41
N GLY A 173 -30.95 -1.08 -6.32
CA GLY A 173 -30.49 0.23 -6.77
C GLY A 173 -29.15 0.25 -7.47
N THR A 174 -28.58 1.46 -7.64
CA THR A 174 -27.30 1.62 -8.32
C THR A 174 -26.19 2.10 -7.39
N ILE A 175 -25.07 1.34 -7.33
CA ILE A 175 -23.86 1.69 -6.57
C ILE A 175 -22.84 2.16 -7.61
N VAL A 176 -22.37 3.40 -7.49
CA VAL A 176 -21.35 3.88 -8.41
C VAL A 176 -20.05 3.91 -7.65
N HIS A 177 -19.15 3.02 -8.02
CA HIS A 177 -17.83 2.96 -7.42
C HIS A 177 -16.92 3.59 -8.44
N THR A 178 -16.41 4.80 -8.14
CA THR A 178 -15.51 5.53 -9.04
C THR A 178 -14.18 4.82 -9.20
N GLY A 179 -13.70 4.17 -8.14
CA GLY A 179 -12.39 3.53 -8.08
C GLY A 179 -11.33 4.61 -8.02
N ASP A 180 -10.01 4.24 -8.04
CA ASP A 180 -8.95 5.25 -8.05
C ASP A 180 -9.10 6.03 -9.35
N PHE A 181 -9.03 7.36 -9.29
CA PHE A 181 -9.23 8.18 -10.47
C PHE A 181 -8.69 9.59 -10.36
N LYS A 182 -8.74 10.28 -11.49
CA LYS A 182 -8.51 11.70 -11.72
C LYS A 182 -9.10 11.98 -13.11
N LEU A 183 -9.50 13.21 -13.36
CA LEU A 183 -10.06 13.52 -14.67
C LEU A 183 -8.95 14.20 -15.48
N ASP A 184 -7.97 13.37 -15.92
CA ASP A 184 -6.84 13.81 -16.73
C ASP A 184 -7.40 14.12 -18.14
N PRO A 185 -7.40 15.40 -18.57
CA PRO A 185 -7.99 15.75 -19.89
C PRO A 185 -7.20 15.26 -21.09
N THR A 186 -5.88 15.08 -20.88
CA THR A 186 -4.93 14.65 -21.88
C THR A 186 -4.04 13.52 -21.30
N PRO A 187 -4.59 12.30 -21.03
CA PRO A 187 -3.73 11.21 -20.53
C PRO A 187 -2.70 10.78 -21.57
N ILE A 188 -1.59 10.19 -21.11
CA ILE A 188 -0.50 9.71 -21.97
C ILE A 188 -0.98 8.64 -22.98
N ASP A 189 -1.95 7.77 -22.57
CA ASP A 189 -2.49 6.74 -23.46
C ASP A 189 -3.56 7.27 -24.45
N GLY A 190 -4.01 8.50 -24.23
CA GLY A 190 -5.07 9.12 -25.04
C GLY A 190 -6.42 8.51 -24.73
N LYS A 191 -6.42 7.49 -23.89
CA LYS A 191 -7.59 6.74 -23.46
C LYS A 191 -8.18 7.48 -22.23
N VAL A 192 -9.11 8.42 -22.53
CA VAL A 192 -9.79 9.30 -21.56
C VAL A 192 -10.84 8.57 -20.68
N SER A 193 -11.28 9.23 -19.58
CA SER A 193 -12.27 8.68 -18.65
C SER A 193 -13.67 8.65 -19.24
N HIS A 194 -14.34 7.49 -19.11
CA HIS A 194 -15.68 7.29 -19.63
C HIS A 194 -16.72 7.76 -18.65
N LEU A 195 -16.93 9.08 -18.63
CA LEU A 195 -17.89 9.72 -17.74
C LEU A 195 -19.31 9.58 -18.25
N ALA A 196 -19.47 9.10 -19.49
CA ALA A 196 -20.77 8.88 -20.12
C ALA A 196 -21.62 7.88 -19.32
N LYS A 197 -21.01 6.73 -18.96
CA LYS A 197 -21.65 5.67 -18.19
C LYS A 197 -22.04 6.16 -16.81
N VAL A 198 -21.27 7.11 -16.26
CA VAL A 198 -21.47 7.74 -14.96
C VAL A 198 -22.60 8.76 -15.03
N ALA A 199 -22.59 9.62 -16.07
CA ALA A 199 -23.62 10.64 -16.31
C ALA A 199 -24.96 9.94 -16.55
N GLN A 200 -24.91 8.78 -17.27
CA GLN A 200 -26.05 7.90 -17.58
C GLN A 200 -26.63 7.33 -16.28
N ALA A 201 -25.73 6.89 -15.34
CA ALA A 201 -26.08 6.32 -14.04
C ALA A 201 -26.82 7.33 -13.16
N GLY A 202 -26.36 8.58 -13.20
CA GLY A 202 -26.93 9.68 -12.42
C GLY A 202 -28.37 9.96 -12.79
N ALA A 203 -28.67 10.00 -14.11
CA ALA A 203 -29.99 10.27 -14.71
C ALA A 203 -31.00 9.24 -14.21
N GLU A 204 -30.59 7.95 -14.24
CA GLU A 204 -31.35 6.80 -13.76
C GLU A 204 -31.59 6.92 -12.25
N GLY A 205 -30.61 7.48 -11.54
CA GLY A 205 -30.63 7.68 -10.11
C GLY A 205 -29.57 6.81 -9.46
N VAL A 206 -28.75 7.42 -8.59
CA VAL A 206 -27.65 6.76 -7.89
C VAL A 206 -27.99 6.60 -6.41
N LEU A 207 -28.06 5.34 -5.94
CA LEU A 207 -28.39 5.01 -4.55
C LEU A 207 -27.18 5.28 -3.65
N LEU A 208 -26.02 4.73 -4.04
CA LEU A 208 -24.79 4.86 -3.30
C LEU A 208 -23.63 5.25 -4.23
N LEU A 209 -22.76 6.14 -3.76
CA LEU A 209 -21.56 6.52 -4.50
C LEU A 209 -20.30 6.22 -3.67
N ILE A 210 -19.43 5.33 -4.16
CA ILE A 210 -18.18 5.02 -3.49
C ILE A 210 -17.09 5.80 -4.23
N ALA A 211 -16.64 6.93 -3.65
CA ALA A 211 -15.66 7.76 -4.33
C ALA A 211 -14.33 7.99 -3.63
N ASP A 212 -13.25 7.93 -4.46
CA ASP A 212 -11.84 8.12 -4.17
C ASP A 212 -11.58 9.48 -3.50
N ALA A 213 -11.28 9.44 -2.20
CA ALA A 213 -11.12 10.61 -1.33
C ALA A 213 -9.69 11.08 -1.11
N THR A 214 -8.70 10.48 -1.81
CA THR A 214 -7.27 10.79 -1.67
C THR A 214 -6.94 12.29 -1.57
N ASN A 215 -7.38 13.09 -2.56
CA ASN A 215 -7.08 14.52 -2.56
C ASN A 215 -8.30 15.39 -2.30
N ALA A 216 -9.28 14.89 -1.49
CA ALA A 216 -10.52 15.61 -1.15
C ALA A 216 -10.30 16.95 -0.43
N GLU A 217 -9.10 17.13 0.16
CA GLU A 217 -8.67 18.35 0.85
C GLU A 217 -8.02 19.31 -0.15
N ARG A 218 -7.47 18.76 -1.25
CA ARG A 218 -6.77 19.51 -2.28
C ARG A 218 -7.74 20.28 -3.19
N PRO A 219 -7.67 21.64 -3.18
CA PRO A 219 -8.54 22.45 -4.06
C PRO A 219 -8.10 22.48 -5.53
N GLY A 220 -9.06 22.70 -6.41
CA GLY A 220 -8.84 22.79 -7.84
C GLY A 220 -8.82 21.47 -8.57
N TYR A 221 -7.96 21.36 -9.57
CA TYR A 221 -7.82 20.15 -10.40
C TYR A 221 -6.40 19.59 -10.32
N THR A 222 -6.28 18.26 -10.45
CA THR A 222 -4.98 17.61 -10.46
C THR A 222 -4.35 17.82 -11.83
N PRO A 223 -3.10 18.33 -11.89
CA PRO A 223 -2.46 18.55 -13.20
C PRO A 223 -2.40 17.28 -14.03
N SER A 224 -2.61 17.41 -15.37
CA SER A 224 -2.57 16.31 -16.34
C SER A 224 -1.18 15.73 -16.44
N GLU A 225 -1.08 14.42 -16.74
CA GLU A 225 0.19 13.72 -16.93
C GLU A 225 0.98 14.34 -18.10
N MET A 226 0.24 14.90 -19.09
CA MET A 226 0.77 15.58 -20.26
C MET A 226 1.56 16.82 -19.86
N GLU A 227 1.11 17.52 -18.81
CA GLU A 227 1.80 18.70 -18.29
C GLU A 227 3.10 18.32 -17.60
N ILE A 228 3.09 17.16 -16.90
CA ILE A 228 4.25 16.62 -16.19
C ILE A 228 5.27 16.16 -17.21
N ALA A 229 4.78 15.56 -18.31
CA ALA A 229 5.59 15.09 -19.45
C ALA A 229 6.32 16.31 -20.04
N LYS A 230 5.56 17.38 -20.36
CA LYS A 230 6.06 18.66 -20.88
C LYS A 230 7.20 19.20 -19.99
N GLU A 231 7.02 19.21 -18.65
CA GLU A 231 8.04 19.65 -17.70
C GLU A 231 9.25 18.72 -17.72
N LEU A 232 9.02 17.39 -17.61
CA LEU A 232 10.07 16.36 -17.64
C LEU A 232 10.95 16.54 -18.87
N ASP A 233 10.32 16.83 -20.02
CA ASP A 233 10.98 17.11 -21.30
C ASP A 233 11.89 18.34 -21.19
N ARG A 234 11.37 19.44 -20.58
CA ARG A 234 12.05 20.70 -20.35
C ARG A 234 13.32 20.49 -19.50
N VAL A 235 13.21 19.73 -18.39
CA VAL A 235 14.35 19.47 -17.51
C VAL A 235 15.35 18.47 -18.09
N ILE A 236 14.87 17.33 -18.67
CA ILE A 236 15.73 16.31 -19.28
C ILE A 236 16.49 16.91 -20.48
N GLY A 237 15.80 17.78 -21.23
CA GLY A 237 16.37 18.52 -22.35
C GLY A 237 17.45 19.48 -21.90
N ARG A 238 17.20 20.18 -20.77
CA ARG A 238 18.08 21.17 -20.14
C ARG A 238 19.40 20.54 -19.69
N ALA A 239 19.31 19.33 -19.09
CA ALA A 239 20.38 18.53 -18.48
C ALA A 239 21.80 18.67 -19.06
N PRO A 240 22.84 18.86 -18.20
CA PRO A 240 24.20 18.98 -18.75
C PRO A 240 24.76 17.62 -19.16
N GLY A 241 24.96 16.73 -18.19
CA GLY A 241 25.48 15.40 -18.42
C GLY A 241 24.40 14.36 -18.20
N ARG A 242 24.67 13.42 -17.29
CA ARG A 242 23.75 12.32 -16.99
C ARG A 242 22.40 12.77 -16.44
N VAL A 243 21.40 11.88 -16.57
CA VAL A 243 20.03 12.05 -16.09
C VAL A 243 19.60 10.76 -15.40
N PHE A 244 19.15 10.89 -14.17
CA PHE A 244 18.61 9.78 -13.40
C PHE A 244 17.17 10.14 -13.13
N VAL A 245 16.25 9.18 -13.21
CA VAL A 245 14.84 9.46 -12.96
C VAL A 245 14.21 8.34 -12.10
N THR A 246 13.58 8.73 -10.97
CA THR A 246 12.83 7.78 -10.11
C THR A 246 11.35 8.13 -10.08
N THR A 247 10.50 7.10 -9.99
CA THR A 247 9.04 7.19 -9.87
C THR A 247 8.57 5.87 -9.27
N PHE A 248 7.26 5.76 -9.00
CA PHE A 248 6.62 4.55 -8.54
C PHE A 248 6.68 3.65 -9.75
N ALA A 249 7.14 2.40 -9.53
CA ALA A 249 7.32 1.37 -10.56
C ALA A 249 6.09 1.19 -11.45
N SER A 250 4.90 1.20 -10.79
CA SER A 250 3.56 1.07 -11.35
C SER A 250 3.21 2.10 -12.40
N HIS A 251 3.72 3.34 -12.25
CA HIS A 251 3.41 4.47 -13.14
C HIS A 251 3.98 4.38 -14.57
N ILE A 252 3.33 3.55 -15.42
CA ILE A 252 3.67 3.28 -16.83
C ILE A 252 3.64 4.55 -17.68
N HIS A 253 2.63 5.41 -17.49
CA HIS A 253 2.51 6.68 -18.23
C HIS A 253 3.69 7.59 -17.93
N ARG A 254 4.13 7.65 -16.65
CA ARG A 254 5.26 8.48 -16.27
C ARG A 254 6.53 7.93 -16.92
N ILE A 255 6.77 6.61 -16.76
CA ILE A 255 7.89 5.87 -17.36
C ILE A 255 7.93 6.21 -18.87
N GLN A 256 6.73 6.22 -19.52
CA GLN A 256 6.51 6.53 -20.93
C GLN A 256 7.02 7.91 -21.34
N SER A 257 6.55 8.97 -20.64
CA SER A 257 6.93 10.36 -20.89
C SER A 257 8.43 10.62 -20.64
N VAL A 258 9.03 9.88 -19.67
CA VAL A 258 10.45 9.95 -19.32
C VAL A 258 11.24 9.33 -20.47
N ILE A 259 10.72 8.24 -21.08
CA ILE A 259 11.29 7.56 -22.25
C ILE A 259 11.16 8.53 -23.46
N TRP A 260 9.92 9.05 -23.69
CA TRP A 260 9.58 10.01 -24.73
C TRP A 260 10.51 11.24 -24.71
N ALA A 261 10.96 11.66 -23.53
CA ALA A 261 11.88 12.78 -23.35
C ALA A 261 13.30 12.37 -23.75
N ALA A 262 13.77 11.20 -23.25
CA ALA A 262 15.11 10.66 -23.54
C ALA A 262 15.28 10.53 -25.04
N GLU A 263 14.30 9.87 -25.68
CA GLU A 263 14.24 9.66 -27.12
C GLU A 263 14.31 10.98 -27.87
N LYS A 264 13.53 12.00 -27.42
CA LYS A 264 13.50 13.35 -28.00
C LYS A 264 14.87 14.04 -28.00
N TYR A 265 15.63 13.87 -26.91
CA TYR A 265 16.93 14.49 -26.74
C TYR A 265 18.12 13.55 -26.96
N GLY A 266 17.89 12.48 -27.73
CA GLY A 266 18.90 11.50 -28.09
C GLY A 266 19.56 10.76 -26.93
N ARG A 267 18.76 10.32 -25.96
CA ARG A 267 19.30 9.59 -24.82
C ARG A 267 18.84 8.15 -24.80
N LYS A 268 19.74 7.25 -24.43
CA LYS A 268 19.47 5.82 -24.35
C LYS A 268 18.95 5.53 -22.93
N VAL A 269 17.86 4.77 -22.83
CA VAL A 269 17.19 4.48 -21.56
C VAL A 269 17.67 3.19 -20.92
N ALA A 270 18.18 3.31 -19.69
CA ALA A 270 18.58 2.17 -18.87
C ALA A 270 17.47 1.95 -17.83
N MET A 271 17.42 0.75 -17.22
CA MET A 271 16.42 0.45 -16.20
C MET A 271 16.98 -0.42 -15.08
N GLU A 272 16.85 0.05 -13.83
CA GLU A 272 17.32 -0.67 -12.64
C GLU A 272 16.26 -0.74 -11.54
N GLY A 273 16.35 -1.77 -10.71
CA GLY A 273 15.41 -2.03 -9.63
C GLY A 273 14.32 -2.95 -10.11
N ARG A 274 14.27 -4.17 -9.54
CA ARG A 274 13.33 -5.25 -9.88
C ARG A 274 11.86 -4.85 -10.01
N SER A 275 11.36 -3.92 -9.14
CA SER A 275 9.98 -3.44 -9.14
C SER A 275 9.62 -2.76 -10.47
N MET A 276 10.43 -1.79 -10.90
CA MET A 276 10.24 -1.07 -12.16
C MET A 276 10.56 -1.98 -13.35
N LEU A 277 11.50 -2.92 -13.15
CA LEU A 277 11.88 -3.91 -14.14
C LEU A 277 10.71 -4.87 -14.39
N LYS A 278 9.93 -5.19 -13.34
CA LYS A 278 8.74 -6.06 -13.41
C LYS A 278 7.62 -5.41 -14.23
N PHE A 279 7.04 -4.29 -13.72
CA PHE A 279 5.94 -3.51 -14.31
C PHE A 279 6.16 -3.16 -15.77
N SER A 280 7.37 -2.66 -16.11
CA SER A 280 7.74 -2.26 -17.47
C SER A 280 7.77 -3.43 -18.43
N ARG A 281 8.36 -4.56 -17.99
CA ARG A 281 8.47 -5.79 -18.78
C ARG A 281 7.09 -6.25 -19.25
N ILE A 282 6.13 -6.32 -18.30
CA ILE A 282 4.72 -6.69 -18.54
C ILE A 282 4.04 -5.64 -19.43
N ALA A 283 4.30 -4.34 -19.17
CA ALA A 283 3.73 -3.20 -19.93
C ALA A 283 4.26 -3.12 -21.34
N LEU A 284 5.57 -3.36 -21.54
CA LEU A 284 6.18 -3.33 -22.87
C LEU A 284 5.67 -4.53 -23.67
N GLU A 285 5.51 -5.68 -22.99
CA GLU A 285 5.02 -6.92 -23.58
C GLU A 285 3.61 -6.75 -24.12
N LEU A 286 2.69 -6.25 -23.28
CA LEU A 286 1.28 -6.06 -23.60
C LEU A 286 0.89 -4.79 -24.39
N GLY A 287 1.90 -4.04 -24.87
CA GLY A 287 1.70 -2.85 -25.69
C GLY A 287 1.21 -1.61 -24.97
N TYR A 288 1.61 -1.45 -23.68
CA TYR A 288 1.27 -0.28 -22.85
C TYR A 288 2.45 0.70 -22.79
N LEU A 289 3.69 0.20 -22.92
CA LEU A 289 4.91 1.02 -22.97
C LEU A 289 5.40 1.08 -24.42
N LYS A 290 6.05 2.20 -24.79
CA LYS A 290 6.55 2.44 -26.14
C LYS A 290 7.98 3.00 -26.21
N VAL A 291 8.95 2.10 -26.43
CA VAL A 291 10.37 2.45 -26.60
C VAL A 291 10.71 2.26 -28.09
N LYS A 292 11.19 3.33 -28.76
CA LYS A 292 11.60 3.34 -30.16
C LYS A 292 12.81 2.43 -30.41
N ASP A 293 13.68 2.30 -29.39
CA ASP A 293 14.87 1.45 -29.36
C ASP A 293 14.56 0.33 -28.34
N ARG A 294 15.57 -0.16 -27.60
CA ARG A 294 15.39 -1.19 -26.58
C ARG A 294 15.59 -0.60 -25.19
N LEU A 295 15.00 -1.22 -24.16
CA LEU A 295 15.22 -0.75 -22.79
C LEU A 295 16.53 -1.35 -22.32
N TYR A 296 17.62 -0.58 -22.50
CA TYR A 296 18.98 -0.99 -22.14
C TYR A 296 19.15 -1.29 -20.66
N THR A 297 20.30 -1.87 -20.33
CA THR A 297 20.72 -2.21 -18.97
C THR A 297 21.87 -1.26 -18.59
N LEU A 298 22.39 -1.35 -17.35
CA LEU A 298 23.49 -0.49 -16.94
C LEU A 298 24.78 -0.86 -17.65
N GLU A 299 24.97 -2.19 -17.86
CA GLU A 299 26.10 -2.80 -18.57
C GLU A 299 26.28 -2.17 -19.96
N GLU A 300 25.17 -2.11 -20.73
CA GLU A 300 25.12 -1.57 -22.09
C GLU A 300 25.34 -0.06 -22.16
N VAL A 301 24.68 0.68 -21.27
CA VAL A 301 24.70 2.15 -21.21
C VAL A 301 26.02 2.77 -20.66
N LYS A 302 26.84 1.95 -19.98
CA LYS A 302 28.12 2.27 -19.33
C LYS A 302 29.12 3.12 -20.15
N ASP A 303 29.48 2.66 -21.35
CA ASP A 303 30.46 3.34 -22.20
C ASP A 303 29.99 4.67 -22.80
N LEU A 304 28.67 4.83 -23.00
CA LEU A 304 28.06 6.02 -23.62
C LEU A 304 28.37 7.36 -22.94
N PRO A 305 28.55 8.46 -23.74
CA PRO A 305 28.75 9.79 -23.13
C PRO A 305 27.59 10.19 -22.23
N ASP A 306 27.89 10.95 -21.16
CA ASP A 306 26.94 11.40 -20.15
C ASP A 306 25.64 12.03 -20.68
N HIS A 307 25.74 12.98 -21.63
CA HIS A 307 24.59 13.68 -22.23
C HIS A 307 23.70 12.80 -23.12
N GLN A 308 24.07 11.52 -23.30
CA GLN A 308 23.37 10.54 -24.14
C GLN A 308 22.83 9.37 -23.29
N VAL A 309 22.70 9.59 -21.98
CA VAL A 309 22.26 8.55 -21.05
C VAL A 309 21.13 9.02 -20.12
N LEU A 310 20.17 8.13 -19.88
CA LEU A 310 19.10 8.30 -18.93
C LEU A 310 18.93 6.96 -18.21
N ILE A 311 19.22 6.95 -16.91
CA ILE A 311 19.08 5.76 -16.10
C ILE A 311 17.81 5.91 -15.28
N LEU A 312 16.77 5.14 -15.62
CA LEU A 312 15.50 5.11 -14.90
C LEU A 312 15.71 4.10 -13.77
N ALA A 313 15.32 4.48 -12.53
CA ALA A 313 15.51 3.62 -11.35
C ALA A 313 14.37 3.67 -10.30
N THR A 314 14.45 2.75 -9.32
CA THR A 314 13.53 2.64 -8.18
C THR A 314 14.09 3.39 -6.96
N GLY A 315 13.21 4.02 -6.17
CA GLY A 315 13.62 4.76 -4.98
C GLY A 315 13.03 6.14 -4.82
N SER A 316 11.80 6.33 -5.37
CA SER A 316 10.98 7.55 -5.36
C SER A 316 10.63 8.02 -3.95
N GLN A 317 10.55 7.06 -3.01
CA GLN A 317 10.23 7.28 -1.59
C GLN A 317 11.43 7.00 -0.66
N GLY A 318 12.64 7.22 -1.21
CA GLY A 318 13.93 7.03 -0.54
C GLY A 318 14.08 5.71 0.19
N GLN A 319 13.58 4.61 -0.42
CA GLN A 319 13.55 3.26 0.13
C GLN A 319 14.92 2.75 0.58
N PRO A 320 15.05 2.28 1.85
CA PRO A 320 16.36 1.84 2.38
C PRO A 320 17.27 0.96 1.52
N MET A 321 16.75 0.15 0.57
CA MET A 321 17.60 -0.74 -0.24
C MET A 321 17.48 -0.51 -1.78
N SER A 322 16.75 0.54 -2.19
CA SER A 322 16.49 0.90 -3.59
C SER A 322 17.75 1.38 -4.33
N VAL A 323 17.68 1.41 -5.68
CA VAL A 323 18.79 1.82 -6.57
C VAL A 323 19.26 3.25 -6.28
N LEU A 324 18.31 4.21 -6.19
CA LEU A 324 18.60 5.61 -5.89
C LEU A 324 19.25 5.78 -4.50
N HIS A 325 18.81 4.96 -3.50
CA HIS A 325 19.36 4.94 -2.14
C HIS A 325 20.83 4.46 -2.18
N ARG A 326 21.10 3.44 -3.01
CA ARG A 326 22.45 2.91 -3.20
C ARG A 326 23.30 3.94 -3.95
N LEU A 327 22.73 4.62 -4.96
CA LEU A 327 23.41 5.66 -5.71
C LEU A 327 23.87 6.81 -4.76
N ALA A 328 23.02 7.15 -3.77
CA ALA A 328 23.29 8.17 -2.76
C ALA A 328 24.27 7.66 -1.69
N PHE A 329 23.96 6.51 -1.04
CA PHE A 329 24.79 5.85 -0.03
C PHE A 329 25.58 4.72 -0.73
N GLU A 330 26.72 5.07 -1.37
CA GLU A 330 27.60 4.18 -2.15
C GLU A 330 27.67 2.69 -1.68
N GLY A 331 27.07 1.76 -2.43
CA GLY A 331 26.35 2.00 -3.67
C GLY A 331 26.24 0.78 -4.55
N HIS A 332 26.74 0.90 -5.79
CA HIS A 332 26.80 -0.16 -6.80
C HIS A 332 28.25 -0.38 -7.21
N ALA A 333 28.55 -1.59 -7.68
CA ALA A 333 29.87 -1.91 -8.23
C ALA A 333 29.88 -1.39 -9.66
N LYS A 334 28.68 -1.32 -10.26
CA LYS A 334 28.46 -0.86 -11.62
C LYS A 334 28.20 0.65 -11.74
N MET A 335 27.44 1.24 -10.81
CA MET A 335 27.16 2.69 -10.86
C MET A 335 27.30 3.52 -9.59
N ALA A 336 27.87 4.73 -9.76
CA ALA A 336 28.11 5.69 -8.70
C ALA A 336 27.77 7.10 -9.17
N ILE A 337 27.25 7.94 -8.25
CA ILE A 337 26.89 9.32 -8.55
C ILE A 337 28.13 10.18 -8.78
N LYS A 338 28.25 10.64 -10.02
CA LYS A 338 29.31 11.49 -10.54
C LYS A 338 28.90 12.96 -10.26
N PRO A 339 29.83 13.84 -9.82
CA PRO A 339 29.44 15.25 -9.61
C PRO A 339 29.21 15.98 -10.95
N GLY A 340 27.99 15.86 -11.46
CA GLY A 340 27.58 16.47 -12.72
C GLY A 340 26.23 15.99 -13.19
N ASP A 341 25.83 14.78 -12.72
CA ASP A 341 24.58 14.11 -13.03
C ASP A 341 23.40 14.93 -12.57
N THR A 342 22.27 14.77 -13.26
CA THR A 342 21.00 15.42 -12.91
C THR A 342 20.10 14.29 -12.41
N VAL A 343 19.60 14.43 -11.18
CA VAL A 343 18.74 13.42 -10.56
C VAL A 343 17.33 13.98 -10.53
N ILE A 344 16.39 13.33 -11.21
CA ILE A 344 15.01 13.80 -11.25
C ILE A 344 14.09 12.88 -10.46
N LEU A 345 13.67 13.36 -9.28
CA LEU A 345 12.75 12.63 -8.41
C LEU A 345 11.35 12.95 -8.92
N SER A 346 10.86 12.18 -9.90
CA SER A 346 9.54 12.38 -10.51
C SER A 346 8.39 11.87 -9.63
N SER A 347 8.45 12.23 -8.34
CA SER A 347 7.46 11.87 -7.33
C SER A 347 7.50 12.87 -6.17
N SER A 348 6.40 12.90 -5.40
CA SER A 348 6.27 13.71 -4.19
C SER A 348 6.39 12.74 -3.00
N PRO A 349 7.03 13.15 -1.86
CA PRO A 349 7.18 12.20 -0.75
C PRO A 349 5.89 11.88 0.00
N ILE A 350 5.60 10.57 0.14
CA ILE A 350 4.46 10.00 0.86
C ILE A 350 4.66 10.29 2.35
N PRO A 351 3.63 10.73 3.10
CA PRO A 351 3.85 11.02 4.53
C PRO A 351 4.47 9.85 5.30
N GLY A 352 5.55 10.15 6.03
CA GLY A 352 6.31 9.16 6.81
C GLY A 352 7.51 8.60 6.08
N ASN A 353 7.75 9.10 4.85
CA ASN A 353 8.86 8.74 3.97
C ASN A 353 9.61 10.03 3.62
N GLU A 354 9.06 11.17 4.07
CA GLU A 354 9.55 12.54 3.88
C GLU A 354 11.00 12.70 4.35
N GLU A 355 11.35 12.04 5.47
CA GLU A 355 12.71 12.08 6.02
C GLU A 355 13.63 11.19 5.22
N ALA A 356 13.14 9.98 4.83
CA ALA A 356 13.89 9.02 4.01
C ALA A 356 14.34 9.69 2.71
N VAL A 357 13.41 10.45 2.09
CA VAL A 357 13.63 11.21 0.85
C VAL A 357 14.68 12.30 1.06
N ASN A 358 14.55 13.06 2.16
CA ASN A 358 15.48 14.15 2.54
C ASN A 358 16.91 13.66 2.66
N ARG A 359 17.12 12.52 3.35
CA ARG A 359 18.43 11.90 3.52
C ARG A 359 19.02 11.60 2.14
N VAL A 360 18.21 10.98 1.25
CA VAL A 360 18.60 10.65 -0.11
C VAL A 360 18.93 11.94 -0.89
N ILE A 361 17.98 12.92 -0.96
CA ILE A 361 18.16 14.22 -1.62
C ILE A 361 19.48 14.90 -1.19
N ASN A 362 19.69 15.05 0.13
CA ASN A 362 20.86 15.65 0.76
C ASN A 362 22.14 14.95 0.32
N ARG A 363 22.15 13.60 0.44
CA ARG A 363 23.26 12.72 0.09
C ARG A 363 23.71 12.93 -1.35
N LEU A 364 22.75 13.02 -2.28
CA LEU A 364 22.98 13.25 -3.72
C LEU A 364 23.56 14.64 -4.01
N TYR A 365 23.11 15.67 -3.23
CA TYR A 365 23.58 17.05 -3.36
C TYR A 365 25.03 17.07 -2.92
N ALA A 366 25.33 16.32 -1.83
CA ALA A 366 26.64 16.19 -1.22
C ALA A 366 27.65 15.54 -2.19
N LEU A 367 27.15 14.65 -3.07
CA LEU A 367 27.97 13.95 -4.05
C LEU A 367 28.30 14.82 -5.26
N GLY A 368 27.50 15.85 -5.50
CA GLY A 368 27.71 16.79 -6.61
C GLY A 368 26.68 16.72 -7.71
N ALA A 369 25.51 16.13 -7.43
CA ALA A 369 24.44 15.99 -8.43
C ALA A 369 23.32 16.97 -8.20
N TYR A 370 22.90 17.66 -9.28
CA TYR A 370 21.78 18.59 -9.24
C TYR A 370 20.50 17.77 -9.06
N VAL A 371 19.79 17.96 -7.93
CA VAL A 371 18.57 17.21 -7.65
C VAL A 371 17.34 18.05 -7.96
N LEU A 372 16.45 17.53 -8.84
CA LEU A 372 15.22 18.21 -9.27
C LEU A 372 14.01 17.43 -8.78
N TYR A 373 13.17 18.10 -7.99
CA TYR A 373 11.99 17.51 -7.35
C TYR A 373 10.90 18.54 -7.12
N PRO A 374 9.63 18.09 -6.92
CA PRO A 374 8.57 19.05 -6.60
C PRO A 374 8.75 19.62 -5.18
N PRO A 375 8.31 20.86 -4.85
CA PRO A 375 7.50 21.81 -5.65
C PRO A 375 8.26 22.70 -6.61
N THR A 376 9.62 22.78 -6.48
CA THR A 376 10.50 23.63 -7.31
C THR A 376 10.28 23.31 -8.79
N TYR A 377 10.29 22.01 -9.11
CA TYR A 377 10.07 21.53 -10.46
C TYR A 377 8.84 20.67 -10.45
N LYS A 378 7.84 21.06 -11.27
CA LYS A 378 6.54 20.42 -11.40
C LYS A 378 6.65 19.06 -12.14
N VAL A 379 7.42 18.13 -11.55
CA VAL A 379 7.74 16.81 -12.11
C VAL A 379 6.88 15.65 -11.61
N HIS A 380 5.81 15.94 -10.88
CA HIS A 380 4.91 14.91 -10.37
C HIS A 380 3.49 15.42 -10.23
N ALA A 381 2.53 14.56 -10.56
CA ALA A 381 1.10 14.83 -10.37
C ALA A 381 0.50 13.64 -9.66
N SER A 382 -0.43 13.92 -8.76
CA SER A 382 -1.17 12.91 -8.00
C SER A 382 -2.05 12.14 -8.99
N GLY A 383 -2.15 10.82 -8.81
CA GLY A 383 -2.99 10.01 -9.68
C GLY A 383 -4.46 10.16 -9.34
N HIS A 384 -4.73 10.85 -8.21
CA HIS A 384 -6.05 11.06 -7.64
C HIS A 384 -6.64 12.47 -7.82
N ALA A 385 -7.96 12.52 -8.01
CA ALA A 385 -8.74 13.73 -8.24
C ALA A 385 -8.81 14.73 -7.08
N SER A 386 -8.63 16.01 -7.43
CA SER A 386 -8.73 17.16 -6.54
C SER A 386 -10.19 17.57 -6.49
N GLN A 387 -10.50 18.57 -5.66
CA GLN A 387 -11.83 19.10 -5.42
C GLN A 387 -12.72 19.34 -6.64
N GLU A 388 -12.23 20.07 -7.66
CA GLU A 388 -13.01 20.39 -8.87
C GLU A 388 -13.53 19.17 -9.59
N GLU A 389 -12.70 18.12 -9.67
CA GLU A 389 -13.02 16.85 -10.32
C GLU A 389 -14.01 16.08 -9.47
N LEU A 390 -13.82 16.08 -8.12
CA LEU A 390 -14.75 15.39 -7.20
C LEU A 390 -16.09 16.11 -7.24
N LYS A 391 -16.06 17.45 -7.29
CA LYS A 391 -17.24 18.32 -7.40
C LYS A 391 -18.07 17.94 -8.63
N LEU A 392 -17.38 17.64 -9.74
CA LEU A 392 -17.96 17.26 -11.02
C LEU A 392 -18.65 15.90 -10.98
N ILE A 393 -17.99 14.88 -10.39
CA ILE A 393 -18.51 13.52 -10.22
C ILE A 393 -19.73 13.54 -9.28
N LEU A 394 -19.65 14.33 -8.18
CA LEU A 394 -20.71 14.50 -7.18
C LEU A 394 -21.98 15.06 -7.81
N ASN A 395 -21.83 15.96 -8.81
CA ASN A 395 -22.92 16.57 -9.56
C ASN A 395 -23.39 15.62 -10.66
N LEU A 396 -22.45 14.86 -11.22
CA LEU A 396 -22.69 13.89 -12.28
C LEU A 396 -23.49 12.68 -11.78
N THR A 397 -23.34 12.35 -10.49
CA THR A 397 -23.99 11.20 -9.87
C THR A 397 -25.24 11.55 -9.06
N THR A 398 -25.16 12.66 -8.26
CA THR A 398 -26.16 13.11 -7.28
C THR A 398 -26.71 11.88 -6.55
N PRO A 399 -25.93 11.31 -5.61
CA PRO A 399 -26.40 10.09 -4.94
C PRO A 399 -27.38 10.37 -3.79
N ARG A 400 -27.99 9.30 -3.26
CA ARG A 400 -28.84 9.46 -2.08
C ARG A 400 -27.91 9.25 -0.89
N PHE A 401 -27.03 8.24 -1.00
CA PHE A 401 -26.08 7.91 0.04
C PHE A 401 -24.65 8.00 -0.48
N PHE A 402 -23.70 8.27 0.41
CA PHE A 402 -22.31 8.44 0.01
C PHE A 402 -21.37 7.76 0.98
N LEU A 403 -20.40 7.03 0.42
CA LEU A 403 -19.37 6.31 1.16
C LEU A 403 -17.98 6.73 0.64
N PRO A 404 -17.33 7.76 1.23
CA PRO A 404 -15.99 8.13 0.74
C PRO A 404 -14.99 7.02 1.09
N TRP A 405 -14.18 6.64 0.11
CA TRP A 405 -13.23 5.55 0.23
C TRP A 405 -11.85 5.96 -0.31
N HIS A 406 -10.81 5.11 -0.14
CA HIS A 406 -9.42 5.32 -0.58
C HIS A 406 -8.94 6.66 -0.06
N GLY A 407 -8.98 6.81 1.25
CA GLY A 407 -8.58 8.00 1.97
C GLY A 407 -8.73 7.87 3.47
N GLU A 408 -7.84 8.54 4.23
CA GLU A 408 -7.86 8.57 5.69
C GLU A 408 -9.09 9.33 6.20
N VAL A 409 -9.31 9.34 7.52
CA VAL A 409 -10.46 10.01 8.16
C VAL A 409 -10.54 11.51 7.79
N ARG A 410 -9.37 12.19 7.62
CA ARG A 410 -9.31 13.60 7.23
C ARG A 410 -9.96 13.78 5.88
N HIS A 411 -9.55 12.93 4.93
CA HIS A 411 -9.97 12.92 3.54
C HIS A 411 -11.44 12.60 3.39
N GLN A 412 -11.92 11.54 4.06
CA GLN A 412 -13.32 11.12 4.06
C GLN A 412 -14.23 12.23 4.64
N MET A 413 -13.79 12.90 5.73
CA MET A 413 -14.54 14.00 6.34
C MET A 413 -14.62 15.20 5.42
N ASN A 414 -13.48 15.59 4.81
CA ASN A 414 -13.41 16.71 3.88
C ASN A 414 -14.26 16.45 2.62
N PHE A 415 -14.31 15.18 2.16
CA PHE A 415 -15.13 14.76 1.03
C PHE A 415 -16.59 14.80 1.46
N LYS A 416 -16.86 14.43 2.73
CA LYS A 416 -18.20 14.48 3.32
C LYS A 416 -18.71 15.93 3.24
N TRP A 417 -17.85 16.90 3.60
CA TRP A 417 -18.17 18.33 3.57
C TRP A 417 -18.31 18.86 2.14
N LEU A 418 -17.47 18.34 1.22
CA LEU A 418 -17.49 18.70 -0.20
C LEU A 418 -18.80 18.22 -0.82
N ALA A 419 -19.27 17.04 -0.37
CA ALA A 419 -20.54 16.46 -0.80
C ALA A 419 -21.66 17.29 -0.18
N GLU A 420 -21.49 17.75 1.07
CA GLU A 420 -22.48 18.57 1.80
C GLU A 420 -22.70 19.91 1.13
N SER A 421 -21.60 20.57 0.69
CA SER A 421 -21.62 21.86 0.01
C SER A 421 -22.43 21.85 -1.32
N MET A 422 -22.77 20.65 -1.84
CA MET A 422 -23.52 20.50 -3.08
C MET A 422 -24.92 21.05 -3.13
N SER A 423 -25.48 21.12 -4.34
CA SER A 423 -26.81 21.65 -4.59
C SER A 423 -27.88 20.67 -4.08
N ARG A 424 -27.74 19.39 -4.45
CA ARG A 424 -28.60 18.28 -4.07
C ARG A 424 -27.72 17.34 -3.20
N PRO A 425 -27.39 17.73 -1.92
CA PRO A 425 -26.52 16.87 -1.08
C PRO A 425 -27.09 15.50 -0.77
N PRO A 426 -26.23 14.47 -0.52
CA PRO A 426 -26.76 13.12 -0.22
C PRO A 426 -27.54 13.09 1.10
N GLU A 427 -28.62 12.28 1.16
CA GLU A 427 -29.48 12.10 2.34
C GLU A 427 -28.63 11.72 3.57
N LYS A 428 -27.60 10.89 3.36
CA LYS A 428 -26.73 10.44 4.43
C LYS A 428 -25.34 10.15 3.88
N THR A 429 -24.29 10.55 4.62
CA THR A 429 -22.90 10.27 4.25
C THR A 429 -22.31 9.48 5.40
N LEU A 430 -21.68 8.32 5.10
CA LEU A 430 -21.08 7.52 6.16
C LEU A 430 -19.59 7.43 6.00
N ILE A 431 -18.85 7.74 7.08
CA ILE A 431 -17.39 7.64 7.10
C ILE A 431 -17.06 6.17 7.22
N GLY A 432 -16.47 5.64 6.15
CA GLY A 432 -16.10 4.25 6.04
C GLY A 432 -15.08 3.76 7.04
N GLU A 433 -15.21 2.48 7.40
CA GLU A 433 -14.35 1.77 8.33
C GLU A 433 -14.12 0.35 7.79
N ASN A 434 -12.94 -0.22 8.06
CA ASN A 434 -12.62 -1.59 7.66
C ASN A 434 -13.43 -2.58 8.50
N GLY A 435 -13.77 -3.71 7.91
CA GLY A 435 -14.53 -4.79 8.53
C GLY A 435 -15.88 -4.44 9.13
N ALA A 436 -16.48 -3.33 8.66
CA ALA A 436 -17.79 -2.90 9.12
C ALA A 436 -18.84 -3.36 8.10
N VAL A 437 -20.06 -3.67 8.58
CA VAL A 437 -21.14 -4.12 7.71
C VAL A 437 -22.07 -2.96 7.41
N TYR A 438 -22.18 -2.60 6.12
CA TYR A 438 -23.04 -1.52 5.68
C TYR A 438 -24.23 -2.09 4.95
N ARG A 439 -25.43 -1.96 5.54
CA ARG A 439 -26.66 -2.46 4.94
C ARG A 439 -27.30 -1.35 4.16
N LEU A 440 -27.54 -1.62 2.88
CA LEU A 440 -28.12 -0.68 1.92
C LEU A 440 -29.41 -1.24 1.36
N THR A 441 -30.50 -0.47 1.49
CA THR A 441 -31.81 -0.83 0.95
C THR A 441 -32.16 0.25 -0.07
N ARG A 442 -33.22 0.03 -0.88
CA ARG A 442 -33.68 1.01 -1.88
C ARG A 442 -34.06 2.37 -1.27
N GLU A 443 -34.17 2.42 0.08
CA GLU A 443 -34.57 3.60 0.84
C GLU A 443 -33.60 4.01 1.98
N THR A 444 -32.81 3.07 2.52
CA THR A 444 -31.87 3.36 3.61
C THR A 444 -30.43 2.84 3.39
N PHE A 445 -29.49 3.41 4.17
CA PHE A 445 -28.08 3.04 4.21
C PHE A 445 -27.57 3.27 5.63
N GLU A 446 -27.06 2.21 6.28
CA GLU A 446 -26.58 2.29 7.66
C GLU A 446 -25.61 1.17 7.99
N LYS A 447 -24.69 1.44 8.94
CA LYS A 447 -23.76 0.43 9.41
C LYS A 447 -24.57 -0.45 10.36
N VAL A 448 -24.62 -1.75 10.08
CA VAL A 448 -25.39 -2.70 10.89
C VAL A 448 -24.51 -3.54 11.82
N GLY A 449 -23.22 -3.23 11.86
CA GLY A 449 -22.29 -3.93 12.72
C GLY A 449 -20.90 -4.10 12.13
N GLU A 450 -20.15 -5.07 12.69
CA GLU A 450 -18.77 -5.39 12.31
C GLU A 450 -18.54 -6.90 12.11
N VAL A 451 -17.44 -7.25 11.41
CA VAL A 451 -17.02 -8.62 11.16
C VAL A 451 -15.51 -8.76 11.43
N PRO A 452 -14.95 -9.98 11.71
CA PRO A 452 -13.49 -10.07 11.95
C PRO A 452 -12.65 -9.42 10.85
N HIS A 453 -11.79 -8.48 11.24
CA HIS A 453 -10.96 -7.74 10.30
C HIS A 453 -9.61 -7.32 10.90
N GLY A 454 -8.68 -6.99 10.03
CA GLY A 454 -7.35 -6.53 10.42
C GLY A 454 -6.35 -6.62 9.29
N VAL A 455 -5.10 -6.86 9.67
CA VAL A 455 -3.98 -6.94 8.74
C VAL A 455 -3.00 -8.07 9.09
N LEU A 456 -2.29 -8.60 8.06
CA LEU A 456 -1.29 -9.66 8.19
C LEU A 456 0.07 -9.27 7.66
N TYR A 457 1.08 -9.33 8.54
CA TYR A 457 2.46 -8.96 8.26
C TYR A 457 3.12 -10.04 7.42
N VAL A 458 3.56 -9.64 6.21
CA VAL A 458 4.20 -10.51 5.23
C VAL A 458 5.65 -10.05 5.02
N ASP A 459 6.57 -10.99 4.77
CA ASP A 459 7.98 -10.72 4.50
C ASP A 459 8.50 -11.71 3.46
N GLY A 460 9.83 -11.81 3.32
CA GLY A 460 10.50 -12.71 2.39
C GLY A 460 10.08 -14.17 2.49
N LEU A 461 9.59 -14.58 3.67
CA LEU A 461 9.12 -15.94 3.95
C LEU A 461 7.62 -16.09 3.73
N GLY A 462 6.88 -15.00 3.87
CA GLY A 462 5.44 -14.97 3.68
C GLY A 462 4.66 -14.70 4.94
N VAL A 463 3.34 -14.88 4.86
CA VAL A 463 2.40 -14.67 5.95
C VAL A 463 2.61 -15.70 7.07
N GLY A 464 2.45 -15.26 8.31
CA GLY A 464 2.62 -16.11 9.49
C GLY A 464 4.02 -16.10 10.07
N ASP A 465 4.99 -15.53 9.33
CA ASP A 465 6.38 -15.40 9.76
C ASP A 465 6.52 -14.32 10.83
N ILE A 466 5.76 -13.20 10.70
CA ILE A 466 5.75 -12.11 11.69
C ILE A 466 4.33 -11.92 12.25
N THR A 467 4.15 -12.23 13.55
CA THR A 467 2.85 -12.05 14.22
C THR A 467 2.76 -10.63 14.82
N GLU A 468 1.64 -10.34 15.52
CA GLU A 468 1.39 -9.05 16.19
C GLU A 468 2.30 -8.94 17.40
N GLU A 469 2.57 -10.09 18.06
CA GLU A 469 3.40 -10.18 19.26
C GLU A 469 4.90 -10.04 19.02
N ILE A 470 5.39 -10.53 17.87
CA ILE A 470 6.82 -10.44 17.49
C ILE A 470 7.26 -8.97 17.50
N LEU A 471 6.47 -8.09 16.85
CA LEU A 471 6.73 -6.65 16.78
C LEU A 471 6.46 -5.96 18.12
N ALA A 472 5.44 -6.43 18.87
CA ALA A 472 5.02 -5.88 20.17
C ALA A 472 6.18 -5.84 21.18
N ASP A 473 6.81 -7.00 21.44
CA ASP A 473 7.95 -7.08 22.36
C ASP A 473 9.26 -6.57 21.72
N ARG A 474 9.28 -6.45 20.38
CA ARG A 474 10.42 -5.91 19.61
C ARG A 474 10.46 -4.40 19.81
N ARG A 475 9.26 -3.80 19.99
CA ARG A 475 9.08 -2.38 20.25
C ARG A 475 9.51 -2.15 21.69
N HIS A 476 9.12 -3.06 22.62
CA HIS A 476 9.45 -3.03 24.06
C HIS A 476 10.96 -2.99 24.25
N MET A 477 11.68 -3.72 23.40
CA MET A 477 13.13 -3.75 23.39
C MET A 477 13.68 -2.47 22.79
N ALA A 478 13.08 -1.98 21.69
CA ALA A 478 13.50 -0.77 20.98
C ALA A 478 13.39 0.47 21.86
N GLU A 479 12.20 0.69 22.42
CA GLU A 479 11.87 1.83 23.28
C GLU A 479 12.57 1.78 24.64
N GLU A 480 12.75 0.56 25.22
CA GLU A 480 13.27 0.44 26.58
C GLU A 480 14.55 -0.37 26.83
N GLY A 481 14.85 -1.36 25.97
CA GLY A 481 16.03 -2.20 26.11
C GLY A 481 15.78 -3.52 26.81
N LEU A 482 16.82 -4.39 26.84
CA LEU A 482 16.71 -5.69 27.49
C LEU A 482 17.63 -5.88 28.69
N VAL A 483 17.10 -6.58 29.70
CA VAL A 483 17.76 -6.98 30.94
C VAL A 483 17.51 -8.49 31.05
N VAL A 484 18.59 -9.29 30.93
CA VAL A 484 18.50 -10.74 31.03
C VAL A 484 19.14 -11.25 32.34
N ILE A 485 18.38 -12.08 33.09
CA ILE A 485 18.80 -12.65 34.38
C ILE A 485 18.88 -14.17 34.27
N THR A 486 20.00 -14.74 34.66
CA THR A 486 20.19 -16.19 34.65
C THR A 486 20.12 -16.69 36.10
N ALA A 487 19.08 -17.47 36.42
CA ALA A 487 18.85 -18.02 37.75
C ALA A 487 19.14 -19.51 37.77
N LEU A 488 19.91 -19.95 38.79
CA LEU A 488 20.28 -21.35 38.95
C LEU A 488 19.75 -21.98 40.21
N ALA A 489 18.86 -22.98 40.07
CA ALA A 489 18.30 -23.76 41.18
C ALA A 489 19.28 -24.88 41.51
N GLY A 490 19.34 -25.23 42.78
CA GLY A 490 20.25 -26.24 43.32
C GLY A 490 21.01 -25.70 44.52
N GLU A 491 21.59 -26.62 45.32
CA GLU A 491 22.36 -26.33 46.55
C GLU A 491 23.31 -25.13 46.43
N ASP A 492 23.86 -24.90 45.22
CA ASP A 492 24.69 -23.74 44.91
C ASP A 492 23.91 -22.83 43.94
N PRO A 493 23.17 -21.82 44.45
CA PRO A 493 22.42 -20.94 43.56
C PRO A 493 23.26 -19.80 42.98
N VAL A 494 23.23 -19.67 41.65
CA VAL A 494 23.97 -18.64 40.92
C VAL A 494 22.99 -17.69 40.19
N VAL A 495 23.25 -16.37 40.27
CA VAL A 495 22.47 -15.32 39.61
C VAL A 495 23.41 -14.39 38.83
N GLU A 496 23.14 -14.23 37.52
CA GLU A 496 23.94 -13.36 36.65
C GLU A 496 23.06 -12.45 35.82
N VAL A 497 23.22 -11.14 36.01
CA VAL A 497 22.44 -10.13 35.30
C VAL A 497 23.28 -9.42 34.23
N VAL A 498 22.84 -9.54 32.98
CA VAL A 498 23.44 -8.92 31.79
C VAL A 498 22.35 -8.05 31.13
N SER A 499 22.70 -6.86 30.63
CA SER A 499 21.71 -5.98 30.00
C SER A 499 22.22 -5.33 28.71
N ARG A 500 21.50 -5.56 27.61
CA ARG A 500 21.82 -4.96 26.32
C ARG A 500 20.84 -3.83 26.04
N GLY A 501 21.38 -2.68 25.62
CA GLY A 501 20.61 -1.49 25.31
C GLY A 501 19.88 -0.92 26.52
N PHE A 502 20.54 -0.96 27.69
CA PHE A 502 19.94 -0.43 28.90
C PHE A 502 20.65 0.84 29.37
N VAL A 503 19.87 1.78 29.94
CA VAL A 503 20.30 3.09 30.46
C VAL A 503 21.36 2.97 31.56
N LYS A 504 22.41 3.81 31.50
CA LYS A 504 23.53 3.82 32.46
C LYS A 504 23.09 3.97 33.92
N ALA A 505 21.86 4.47 34.15
CA ALA A 505 21.25 4.62 35.47
C ALA A 505 20.87 3.23 36.01
N GLY A 506 20.44 2.35 35.10
CA GLY A 506 20.06 0.98 35.39
C GLY A 506 21.25 0.04 35.45
N GLU A 507 22.30 0.32 34.63
CA GLU A 507 23.54 -0.48 34.59
C GLU A 507 24.26 -0.45 35.95
N ARG A 508 24.11 0.67 36.68
CA ARG A 508 24.65 0.87 38.03
C ARG A 508 23.83 0.00 39.00
N LEU A 509 22.49 -0.06 38.79
CA LEU A 509 21.55 -0.85 39.60
C LEU A 509 21.50 -2.34 39.24
N LEU A 510 22.33 -2.78 38.25
CA LEU A 510 22.41 -4.18 37.84
C LEU A 510 23.02 -5.04 38.95
N GLY A 511 23.87 -4.42 39.77
CA GLY A 511 24.48 -5.06 40.93
C GLY A 511 23.44 -5.35 41.99
N GLU A 512 22.45 -4.44 42.12
CA GLU A 512 21.34 -4.57 43.08
C GLU A 512 20.35 -5.67 42.68
N VAL A 513 20.07 -5.81 41.36
CA VAL A 513 19.14 -6.84 40.86
C VAL A 513 19.66 -8.26 41.04
N ARG A 514 21.00 -8.47 40.97
CA ARG A 514 21.67 -9.76 41.19
C ARG A 514 21.28 -10.26 42.57
N ARG A 515 21.47 -9.40 43.59
CA ARG A 515 21.15 -9.68 44.99
C ARG A 515 19.63 -9.74 45.22
N MET A 516 18.85 -9.01 44.40
CA MET A 516 17.39 -8.97 44.45
C MET A 516 16.81 -10.31 43.98
N ALA A 517 17.47 -10.93 42.98
CA ALA A 517 17.07 -12.21 42.42
C ALA A 517 17.63 -13.39 43.21
N LEU A 518 18.83 -13.22 43.82
CA LEU A 518 19.47 -14.25 44.63
C LEU A 518 18.62 -14.60 45.85
N GLU A 519 18.02 -13.60 46.51
CA GLU A 519 17.12 -13.81 47.65
C GLU A 519 15.76 -14.39 47.21
N ALA A 520 15.34 -14.07 45.96
CA ALA A 520 14.11 -14.56 45.35
C ALA A 520 14.26 -16.05 44.96
N LEU A 521 15.49 -16.45 44.58
CA LEU A 521 15.86 -17.83 44.24
C LEU A 521 15.97 -18.63 45.56
N LYS A 522 16.58 -18.01 46.61
CA LYS A 522 16.81 -18.56 47.95
C LYS A 522 15.50 -19.08 48.55
N ASN A 523 14.42 -18.26 48.49
CA ASN A 523 13.10 -18.61 48.98
C ASN A 523 12.42 -19.64 48.09
N GLY A 524 12.75 -19.62 46.79
CA GLY A 524 12.22 -20.52 45.77
C GLY A 524 12.55 -21.98 46.02
N VAL A 525 13.83 -22.24 46.35
CA VAL A 525 14.32 -23.59 46.65
C VAL A 525 13.88 -24.03 48.05
N ARG A 526 13.83 -23.08 49.01
CA ARG A 526 13.40 -23.26 50.41
C ARG A 526 11.97 -23.83 50.47
N GLU A 527 11.07 -23.27 49.65
CA GLU A 527 9.67 -23.70 49.55
C GLU A 527 9.52 -24.86 48.55
N LYS A 528 10.63 -25.26 47.85
CA LYS A 528 10.68 -26.31 46.82
C LYS A 528 9.71 -26.01 45.66
N LYS A 529 9.54 -24.70 45.35
CA LYS A 529 8.66 -24.18 44.30
C LYS A 529 9.13 -24.55 42.87
N PRO A 530 8.21 -24.70 41.87
CA PRO A 530 8.66 -25.08 40.52
C PRO A 530 9.33 -23.93 39.80
N LEU A 531 10.29 -24.25 38.92
CA LEU A 531 11.06 -23.29 38.11
C LEU A 531 10.20 -22.29 37.33
N GLU A 532 9.00 -22.74 36.90
CA GLU A 532 8.01 -21.93 36.19
C GLU A 532 7.35 -20.88 37.11
N ARG A 533 7.39 -21.12 38.44
CA ARG A 533 6.83 -20.24 39.46
C ARG A 533 7.90 -19.38 40.12
N ILE A 534 9.17 -19.85 40.15
CA ILE A 534 10.30 -19.12 40.72
C ILE A 534 10.60 -17.88 39.86
N ARG A 535 10.55 -18.03 38.51
CA ARG A 535 10.80 -16.94 37.55
C ARG A 535 9.90 -15.73 37.79
N ASP A 536 8.64 -15.96 38.19
CA ASP A 536 7.66 -14.92 38.49
C ASP A 536 7.98 -14.22 39.81
N ASP A 537 8.56 -14.96 40.79
CA ASP A 537 8.99 -14.41 42.07
C ASP A 537 10.25 -13.54 41.88
N ILE A 538 10.86 -13.62 40.69
CA ILE A 538 12.04 -12.85 40.27
C ILE A 538 11.57 -11.69 39.36
N TYR A 539 10.75 -12.01 38.32
CA TYR A 539 10.24 -11.06 37.31
C TYR A 539 9.56 -9.82 37.85
N TYR A 540 8.49 -10.00 38.65
CA TYR A 540 7.68 -8.92 39.21
C TYR A 540 8.37 -7.91 40.18
N PRO A 541 9.12 -8.33 41.25
CA PRO A 541 9.75 -7.31 42.12
C PRO A 541 10.81 -6.46 41.42
N VAL A 542 11.57 -7.04 40.47
CA VAL A 542 12.59 -6.34 39.68
C VAL A 542 11.88 -5.33 38.77
N LYS A 543 10.73 -5.73 38.19
CA LYS A 543 9.89 -4.90 37.32
C LYS A 543 9.43 -3.66 38.09
N LYS A 544 8.88 -3.86 39.31
CA LYS A 544 8.39 -2.80 40.20
C LYS A 544 9.54 -1.93 40.73
N PHE A 545 10.74 -2.53 40.86
CA PHE A 545 11.93 -1.82 41.34
C PHE A 545 12.48 -0.90 40.24
N LEU A 546 12.63 -1.42 39.00
CA LEU A 546 13.14 -0.68 37.84
C LEU A 546 12.28 0.53 37.47
N LYS A 547 10.94 0.40 37.57
CA LYS A 547 9.98 1.48 37.29
C LYS A 547 10.07 2.57 38.36
N LYS A 548 10.22 2.17 39.64
CA LYS A 548 10.34 3.08 40.77
C LYS A 548 11.75 3.68 40.91
N ALA A 549 12.77 3.03 40.30
CA ALA A 549 14.15 3.49 40.37
C ALA A 549 14.64 4.27 39.14
N THR A 550 14.42 3.73 37.93
CA THR A 550 14.87 4.37 36.68
C THR A 550 13.76 4.97 35.83
N GLY A 551 12.51 4.66 36.15
CA GLY A 551 11.35 5.13 35.40
C GLY A 551 11.19 4.48 34.05
N ARG A 552 12.06 3.50 33.74
CA ARG A 552 12.08 2.75 32.48
C ARG A 552 11.45 1.37 32.66
N ASP A 553 10.78 0.87 31.61
CA ASP A 553 10.07 -0.41 31.59
C ASP A 553 10.81 -1.34 30.59
N PRO A 554 12.02 -1.89 30.92
CA PRO A 554 12.73 -2.70 29.92
C PRO A 554 12.28 -4.14 29.81
N MET A 555 12.79 -4.83 28.78
CA MET A 555 12.53 -6.25 28.55
C MET A 555 13.30 -7.03 29.63
N ILE A 556 12.58 -7.78 30.47
CA ILE A 556 13.19 -8.57 31.55
C ILE A 556 13.04 -10.06 31.25
N LEU A 557 14.18 -10.79 31.19
CA LEU A 557 14.15 -12.22 30.91
C LEU A 557 14.72 -13.11 32.04
N PRO A 558 13.91 -13.51 33.05
CA PRO A 558 14.45 -14.39 34.11
C PRO A 558 14.45 -15.85 33.67
N VAL A 559 15.64 -16.35 33.31
CA VAL A 559 15.86 -17.72 32.85
C VAL A 559 16.13 -18.59 34.08
N VAL A 560 15.26 -19.59 34.35
CA VAL A 560 15.43 -20.47 35.52
C VAL A 560 15.81 -21.91 35.13
N ILE A 561 17.03 -22.33 35.53
CA ILE A 561 17.61 -23.67 35.29
C ILE A 561 17.93 -24.34 36.64
N GLU A 562 17.92 -25.70 36.68
CA GLU A 562 18.22 -26.48 37.88
C GLU A 562 19.69 -26.90 37.90
#